data_1ISI
#
_entry.id   1ISI
#
_cell.length_a   58.945
_cell.length_b   112.740
_cell.length_c   130.851
_cell.angle_alpha   90.00
_cell.angle_beta   90.00
_cell.angle_gamma   90.00
#
_symmetry.space_group_name_H-M   'P 21 21 21'
#
loop_
_entity.id
_entity.type
_entity.pdbx_description
1 polymer 'bone marrow stromal cell antigen 1'
2 branched 2-acetamido-2-deoxy-beta-D-glucopyranose-(1-4)-2-acetamido-2-deoxy-beta-D-glucopyranose
3 non-polymer NICOTINAMIDE
4 non-polymer '[[(2R,3S,4R,5R)-3,4-dihydroxy-5-(9H-imidazo[2,1-f]purin-6-ium-3-yl)oxolan-2-yl]methoxy-oxidanidyl-phosphoryl] [(2R,3S,4R,5R)-3,4-dihydroxy-5-oxidanidyl-oxolan-2-yl]methyl phosphate'
5 water water
#
_entity_poly.entity_id   1
_entity_poly.type   'polypeptide(L)'
_entity_poly.pdbx_seq_one_letter_code
;RWRAEGTSAHLRDIFLGRCAEYRALLSPEQRNKDCTAIWEAFKVALDKDPCSVLPSDYDLFITLSRHSIPRDKSLFWENS
HLLVNSFADNTRRFMPLSDVLYGRVADFLSWCRQKADSGLDYQSCPTSEDCENNPVDSFWKRASIQYSKDSSGVIHVMLN
GSEPTGAYPIKGFFADYEIPNLQKEKITRIEIWVMHEIGGPNVESCGEGSMKVLEKRLKDMGFQYSCINDYRPVKLLQCV
DHSTHPDCALKSAAAATQRKAPSLY
;
_entity_poly.pdbx_strand_id   A,B
#
loop_
_chem_comp.id
_chem_comp.type
_chem_comp.name
_chem_comp.formula
ENQ RNA linking '[[(2R,3S,4R,5R)-3,4-dihydroxy-5-(9H-imidazo[2,1-f]purin-6-ium-3-yl)oxolan-2-yl]methoxy-oxidanidyl-phosphoryl] [(2R,3S,4R,5R)-3,4-dihydroxy-5-oxidanidyl-oxolan-2-yl]methyl phosphate' 'C17 H22 N5 O14 P2 -1'
NAG D-saccharide, beta linking 2-acetamido-2-deoxy-beta-D-glucopyranose 'C8 H15 N O6'
NCA non-polymer NICOTINAMIDE 'C6 H6 N2 O'
#
# COMPACT_ATOMS: atom_id res chain seq x y z
N TRP A 2 -14.35 -23.51 15.51
CA TRP A 2 -14.21 -22.05 15.29
C TRP A 2 -14.62 -21.68 13.86
N ARG A 3 -15.50 -20.70 13.74
CA ARG A 3 -15.99 -20.28 12.43
C ARG A 3 -15.33 -19.04 11.85
N ALA A 4 -14.07 -18.81 12.20
CA ALA A 4 -13.34 -17.65 11.68
C ALA A 4 -12.01 -18.11 11.11
N GLU A 5 -11.39 -17.24 10.31
CA GLU A 5 -10.11 -17.54 9.68
C GLU A 5 -9.04 -17.90 10.72
N GLY A 6 -8.23 -18.90 10.38
CA GLY A 6 -7.17 -19.32 11.27
C GLY A 6 -6.03 -18.32 11.27
N THR A 7 -5.05 -18.54 12.15
CA THR A 7 -3.90 -17.65 12.27
C THR A 7 -3.21 -17.40 10.93
N SER A 8 -2.78 -16.16 10.72
CA SER A 8 -2.09 -15.78 9.48
C SER A 8 -0.70 -16.40 9.43
N ALA A 9 -0.33 -16.96 8.29
CA ALA A 9 0.98 -17.57 8.14
C ALA A 9 2.06 -16.51 8.28
N HIS A 10 3.17 -16.88 8.91
CA HIS A 10 4.30 -15.97 9.09
C HIS A 10 3.89 -14.68 9.81
N LEU A 11 2.99 -14.80 10.77
CA LEU A 11 2.50 -13.68 11.55
C LEU A 11 3.63 -12.82 12.07
N ARG A 12 4.62 -13.46 12.68
CA ARG A 12 5.76 -12.74 13.24
C ARG A 12 6.56 -11.90 12.24
N ASP A 13 6.97 -12.51 11.13
CA ASP A 13 7.74 -11.77 10.12
C ASP A 13 6.95 -10.58 9.58
N ILE A 14 5.67 -10.80 9.31
CA ILE A 14 4.80 -9.74 8.79
C ILE A 14 4.66 -8.59 9.81
N PHE A 15 4.37 -8.96 11.05
CA PHE A 15 4.20 -8.01 12.14
C PHE A 15 5.46 -7.14 12.26
N LEU A 16 6.61 -7.79 12.43
CA LEU A 16 7.88 -7.07 12.56
C LEU A 16 8.20 -6.25 11.32
N GLY A 17 7.90 -6.82 10.15
CA GLY A 17 8.16 -6.09 8.92
C GLY A 17 7.34 -4.82 8.85
N ARG A 18 6.05 -4.92 9.13
CA ARG A 18 5.17 -3.75 9.07
C ARG A 18 5.54 -2.73 10.14
N CYS A 19 5.90 -3.22 11.32
CA CYS A 19 6.30 -2.31 12.40
C CYS A 19 7.54 -1.53 11.97
N ALA A 20 8.50 -2.23 11.37
CA ALA A 20 9.73 -1.58 10.92
C ALA A 20 9.44 -0.50 9.87
N GLU A 21 8.64 -0.86 8.86
CA GLU A 21 8.32 0.11 7.82
C GLU A 21 7.61 1.34 8.37
N TYR A 22 6.70 1.13 9.32
CA TYR A 22 5.94 2.23 9.89
C TYR A 22 6.79 3.27 10.63
N ARG A 23 7.84 2.82 11.31
CA ARG A 23 8.69 3.73 12.07
C ARG A 23 9.12 4.92 11.22
N ALA A 24 9.41 4.67 9.95
CA ALA A 24 9.84 5.74 9.06
C ALA A 24 8.74 6.80 8.92
N LEU A 25 7.50 6.37 9.03
CA LEU A 25 6.37 7.29 8.92
C LEU A 25 6.19 8.11 10.18
N LEU A 26 6.87 7.71 11.25
CA LEU A 26 6.79 8.43 12.51
C LEU A 26 7.79 9.58 12.49
N SER A 27 7.52 10.61 13.26
CA SER A 27 8.42 11.76 13.34
C SER A 27 9.55 11.35 14.28
N PRO A 28 10.77 11.86 14.04
CA PRO A 28 11.93 11.54 14.87
C PRO A 28 11.61 11.49 16.37
N GLU A 29 10.91 12.51 16.86
CA GLU A 29 10.54 12.58 18.27
C GLU A 29 9.89 11.31 18.80
N GLN A 30 9.04 10.69 17.99
CA GLN A 30 8.33 9.47 18.40
C GLN A 30 8.78 8.24 17.61
N ARG A 31 9.85 8.38 16.83
CA ARG A 31 10.37 7.30 16.00
C ARG A 31 11.02 6.17 16.81
N ASN A 32 11.35 6.44 18.05
CA ASN A 32 12.00 5.43 18.88
C ASN A 32 11.01 4.39 19.40
N LYS A 33 10.76 3.37 18.57
CA LYS A 33 9.86 2.29 18.91
C LYS A 33 10.64 0.99 18.82
N ASP A 34 10.35 0.06 19.71
CA ASP A 34 11.03 -1.22 19.71
C ASP A 34 10.07 -2.30 19.21
N CYS A 35 10.15 -2.57 17.91
CA CYS A 35 9.28 -3.55 17.29
C CYS A 35 9.33 -4.92 17.96
N THR A 36 10.50 -5.31 18.45
CA THR A 36 10.63 -6.60 19.11
C THR A 36 9.84 -6.62 20.41
N ALA A 37 9.94 -5.54 21.18
CA ALA A 37 9.23 -5.44 22.45
C ALA A 37 7.71 -5.35 22.18
N ILE A 38 7.35 -4.58 21.15
CA ILE A 38 5.93 -4.43 20.82
C ILE A 38 5.36 -5.80 20.48
N TRP A 39 6.10 -6.59 19.72
CA TRP A 39 5.65 -7.93 19.35
C TRP A 39 5.49 -8.83 20.58
N GLU A 40 6.48 -8.78 21.47
CA GLU A 40 6.44 -9.58 22.70
C GLU A 40 5.18 -9.26 23.49
N ALA A 41 4.90 -7.98 23.67
CA ALA A 41 3.71 -7.54 24.41
C ALA A 41 2.45 -8.02 23.71
N PHE A 42 2.43 -7.94 22.39
CA PHE A 42 1.30 -8.38 21.59
C PHE A 42 1.02 -9.88 21.74
N LYS A 43 2.06 -10.70 21.63
CA LYS A 43 1.86 -12.13 21.69
C LYS A 43 1.41 -12.73 23.01
N VAL A 44 1.18 -11.88 24.02
CA VAL A 44 0.72 -12.39 25.30
C VAL A 44 -0.65 -13.06 25.08
N ALA A 45 -1.41 -12.55 24.11
CA ALA A 45 -2.71 -13.10 23.80
C ALA A 45 -2.60 -14.47 23.15
N LEU A 46 -1.41 -14.79 22.64
CA LEU A 46 -1.17 -16.07 21.98
C LEU A 46 -0.73 -17.17 22.96
N ASP A 47 -0.69 -16.84 24.24
CA ASP A 47 -0.33 -17.82 25.25
C ASP A 47 -1.56 -18.17 26.06
N LYS A 48 -2.66 -17.48 25.77
CA LYS A 48 -3.91 -17.69 26.49
C LYS A 48 -4.95 -18.51 25.72
N ASP A 49 -5.96 -18.97 26.45
CA ASP A 49 -7.05 -19.73 25.88
C ASP A 49 -7.70 -18.79 24.85
N PRO A 50 -7.95 -19.28 23.62
CA PRO A 50 -8.56 -18.47 22.57
C PRO A 50 -9.92 -17.85 22.87
N CYS A 51 -10.46 -18.13 24.06
CA CYS A 51 -11.74 -17.56 24.44
C CYS A 51 -11.63 -16.84 25.77
N SER A 52 -10.40 -16.56 26.20
CA SER A 52 -10.17 -15.89 27.48
C SER A 52 -9.24 -14.70 27.34
N VAL A 53 -9.27 -14.03 26.20
CA VAL A 53 -8.43 -12.86 25.99
C VAL A 53 -9.28 -11.61 26.15
N LEU A 54 -8.85 -10.73 27.05
CA LEU A 54 -9.59 -9.49 27.30
C LEU A 54 -8.91 -8.31 26.62
N PRO A 55 -9.67 -7.24 26.35
CA PRO A 55 -9.08 -6.07 25.70
C PRO A 55 -7.86 -5.58 26.50
N SER A 56 -8.00 -5.56 27.82
CA SER A 56 -6.92 -5.10 28.69
C SER A 56 -5.61 -5.89 28.60
N ASP A 57 -5.67 -7.13 28.13
CA ASP A 57 -4.44 -7.91 27.99
C ASP A 57 -3.49 -7.22 27.01
N TYR A 58 -4.06 -6.37 26.17
CA TYR A 58 -3.26 -5.64 25.18
C TYR A 58 -2.78 -4.26 25.66
N ASP A 59 -2.99 -3.97 26.93
CA ASP A 59 -2.56 -2.68 27.49
C ASP A 59 -1.08 -2.38 27.26
N LEU A 60 -0.22 -3.36 27.55
CA LEU A 60 1.23 -3.15 27.38
C LEU A 60 1.54 -2.87 25.91
N PHE A 61 0.96 -3.69 25.04
CA PHE A 61 1.17 -3.54 23.60
C PHE A 61 0.86 -2.09 23.19
N ILE A 62 -0.28 -1.57 23.63
CA ILE A 62 -0.64 -0.20 23.29
C ILE A 62 0.35 0.80 23.89
N THR A 63 0.72 0.58 25.14
CA THR A 63 1.66 1.46 25.82
C THR A 63 2.95 1.63 25.04
N LEU A 64 3.49 0.52 24.55
CA LEU A 64 4.74 0.54 23.79
C LEU A 64 4.61 1.04 22.35
N SER A 65 3.42 0.97 21.77
CA SER A 65 3.22 1.39 20.39
C SER A 65 2.49 2.72 20.17
N ARG A 66 1.89 3.24 21.23
CA ARG A 66 1.14 4.49 21.14
C ARG A 66 1.93 5.70 20.65
N HIS A 67 1.30 6.51 19.81
CA HIS A 67 1.90 7.74 19.30
C HIS A 67 0.74 8.69 18.98
N SER A 68 1.04 9.96 18.80
CA SER A 68 -0.02 10.92 18.54
C SER A 68 -0.58 10.82 17.12
N ILE A 69 -1.83 11.23 16.98
CA ILE A 69 -2.53 11.22 15.70
C ILE A 69 -2.79 12.68 15.34
N PRO A 70 -2.34 13.11 14.16
CA PRO A 70 -2.54 14.50 13.73
C PRO A 70 -3.99 14.95 13.83
N ARG A 71 -4.16 16.19 14.24
CA ARG A 71 -5.49 16.79 14.37
C ARG A 71 -6.14 16.76 13.00
N ASP A 72 -7.45 16.57 12.95
CA ASP A 72 -8.19 16.54 11.69
C ASP A 72 -7.87 15.38 10.74
N LYS A 73 -6.98 14.49 11.14
CA LYS A 73 -6.60 13.38 10.26
C LYS A 73 -7.23 12.01 10.56
N SER A 74 -8.05 11.91 11.60
CA SER A 74 -8.66 10.62 11.91
C SER A 74 -9.76 10.29 10.92
N LEU A 75 -9.88 9.00 10.59
CA LEU A 75 -10.89 8.52 9.65
C LEU A 75 -11.50 7.22 10.15
N PHE A 76 -12.76 7.29 10.61
CA PHE A 76 -13.47 6.11 11.10
C PHE A 76 -14.26 5.54 9.93
N TRP A 77 -14.73 4.29 10.03
CA TRP A 77 -15.47 3.72 8.90
C TRP A 77 -16.26 2.44 9.19
N GLU A 78 -17.06 2.05 8.19
CA GLU A 78 -17.86 0.83 8.28
C GLU A 78 -18.05 0.30 6.86
N ASN A 79 -17.85 -1.01 6.68
CA ASN A 79 -18.06 -1.64 5.38
C ASN A 79 -17.37 -0.92 4.21
N SER A 80 -16.15 -0.43 4.44
CA SER A 80 -15.43 0.28 3.39
C SER A 80 -13.92 0.08 3.53
N HIS A 81 -13.52 -1.07 4.08
CA HIS A 81 -12.11 -1.36 4.33
C HIS A 81 -11.08 -0.99 3.26
N LEU A 82 -11.17 -1.60 2.09
CA LEU A 82 -10.21 -1.31 1.02
C LEU A 82 -10.22 0.13 0.52
N LEU A 83 -11.41 0.71 0.42
CA LEU A 83 -11.55 2.09 -0.05
C LEU A 83 -10.90 3.05 0.95
N VAL A 84 -11.04 2.75 2.24
CA VAL A 84 -10.45 3.58 3.30
C VAL A 84 -8.92 3.52 3.21
N ASN A 85 -8.36 2.32 3.08
CA ASN A 85 -6.91 2.19 2.98
C ASN A 85 -6.36 2.88 1.74
N SER A 86 -7.01 2.68 0.59
CA SER A 86 -6.55 3.31 -0.65
C SER A 86 -6.69 4.83 -0.59
N PHE A 87 -7.80 5.34 -0.06
CA PHE A 87 -7.99 6.77 0.01
C PHE A 87 -6.98 7.42 0.96
N ALA A 88 -6.80 6.82 2.12
CA ALA A 88 -5.86 7.33 3.13
C ALA A 88 -4.44 7.43 2.56
N ASP A 89 -4.10 6.51 1.67
CA ASP A 89 -2.81 6.54 1.02
C ASP A 89 -1.61 6.59 1.98
N ASN A 90 -1.52 5.57 2.83
CA ASN A 90 -0.43 5.42 3.79
C ASN A 90 -0.09 6.68 4.60
N THR A 91 -1.12 7.27 5.21
CA THR A 91 -1.05 8.49 6.04
C THR A 91 -0.92 9.78 5.24
N ARG A 92 -0.77 9.69 3.92
CA ARG A 92 -0.63 10.90 3.12
C ARG A 92 -1.88 11.79 3.07
N ARG A 93 -3.07 11.20 3.04
CA ARG A 93 -4.29 11.99 3.01
C ARG A 93 -4.95 11.97 4.39
N PHE A 94 -5.09 10.78 4.95
CA PHE A 94 -5.69 10.62 6.27
C PHE A 94 -5.00 9.52 7.04
N MET A 95 -5.32 9.40 8.32
CA MET A 95 -4.70 8.37 9.13
C MET A 95 -5.74 7.50 9.83
N PRO A 96 -6.34 6.53 9.10
CA PRO A 96 -7.32 5.65 9.74
C PRO A 96 -6.51 4.75 10.69
N LEU A 97 -7.18 3.99 11.54
CA LEU A 97 -6.46 3.12 12.49
C LEU A 97 -5.45 2.20 11.81
N SER A 98 -5.76 1.73 10.61
CA SER A 98 -4.86 0.84 9.87
C SER A 98 -3.57 1.57 9.52
N ASP A 99 -3.58 2.89 9.65
CA ASP A 99 -2.41 3.69 9.36
C ASP A 99 -1.81 4.32 10.63
N VAL A 100 -2.08 3.69 11.76
CA VAL A 100 -1.56 4.11 13.06
C VAL A 100 -0.76 2.86 13.45
N LEU A 101 0.43 3.04 14.02
CA LEU A 101 1.27 1.89 14.36
C LEU A 101 0.58 0.66 14.93
N TYR A 102 -0.18 0.81 16.02
CA TYR A 102 -0.83 -0.36 16.61
C TYR A 102 -1.93 -1.02 15.79
N GLY A 103 -2.46 -0.30 14.80
CA GLY A 103 -3.49 -0.89 13.95
C GLY A 103 -2.84 -1.47 12.71
N ARG A 104 -1.77 -0.80 12.27
CA ARG A 104 -1.01 -1.20 11.10
C ARG A 104 -0.45 -2.61 11.16
N VAL A 105 0.01 -3.03 12.33
CA VAL A 105 0.60 -4.35 12.48
C VAL A 105 -0.40 -5.50 12.43
N ALA A 106 -1.69 -5.20 12.53
CA ALA A 106 -2.71 -6.24 12.54
C ALA A 106 -3.71 -6.22 11.38
N ASP A 107 -3.71 -5.14 10.60
CA ASP A 107 -4.64 -5.00 9.46
C ASP A 107 -4.65 -6.27 8.60
N PHE A 108 -5.84 -6.82 8.39
CA PHE A 108 -6.02 -8.04 7.58
C PHE A 108 -5.58 -9.34 8.25
N LEU A 109 -4.90 -9.25 9.38
CA LEU A 109 -4.40 -10.47 10.03
C LEU A 109 -5.38 -11.13 11.00
N SER A 110 -5.05 -12.36 11.34
CA SER A 110 -5.87 -13.14 12.27
C SER A 110 -4.91 -13.93 13.15
N TRP A 111 -5.31 -14.23 14.37
CA TRP A 111 -4.46 -14.96 15.29
C TRP A 111 -5.19 -15.51 16.51
N CYS A 112 -4.72 -16.65 17.01
CA CYS A 112 -5.29 -17.27 18.19
C CYS A 112 -4.49 -18.54 18.50
N ARG A 113 -4.43 -18.90 19.77
CA ARG A 113 -3.71 -20.11 20.17
C ARG A 113 -4.68 -21.28 20.06
N GLN A 114 -4.15 -22.49 20.10
CA GLN A 114 -5.01 -23.67 20.04
C GLN A 114 -5.76 -23.82 21.37
N LYS A 115 -6.93 -24.43 21.32
CA LYS A 115 -7.75 -24.62 22.50
C LYS A 115 -6.98 -25.27 23.65
N ALA A 116 -6.35 -26.41 23.37
CA ALA A 116 -5.61 -27.13 24.40
C ALA A 116 -4.14 -27.39 24.09
N ASP A 117 -3.54 -26.52 23.27
CA ASP A 117 -2.13 -26.68 22.93
C ASP A 117 -1.47 -25.31 22.90
N SER A 118 -0.16 -25.27 23.17
CA SER A 118 0.55 -24.00 23.19
C SER A 118 0.78 -23.38 21.81
N GLY A 119 0.69 -24.20 20.77
CA GLY A 119 0.91 -23.71 19.42
C GLY A 119 -0.23 -22.89 18.82
N LEU A 120 0.11 -22.06 17.84
CA LEU A 120 -0.89 -21.22 17.18
C LEU A 120 -1.83 -22.09 16.35
N ASP A 121 -3.10 -21.71 16.30
CA ASP A 121 -4.09 -22.45 15.53
C ASP A 121 -4.21 -21.86 14.14
N TYR A 122 -3.67 -22.56 13.14
CA TYR A 122 -3.72 -22.08 11.76
C TYR A 122 -4.94 -22.59 11.01
N GLN A 123 -5.75 -23.42 11.66
CA GLN A 123 -6.94 -23.97 11.01
C GLN A 123 -8.08 -22.96 11.09
N SER A 124 -8.36 -22.48 12.29
CA SER A 124 -9.43 -21.50 12.47
C SER A 124 -9.31 -20.81 13.82
N CYS A 125 -10.03 -19.69 13.95
CA CYS A 125 -10.04 -18.93 15.19
C CYS A 125 -11.47 -18.61 15.55
N PRO A 126 -11.77 -18.41 16.85
CA PRO A 126 -13.13 -18.11 17.26
C PRO A 126 -13.67 -16.76 16.80
N THR A 127 -14.98 -16.70 16.60
CA THR A 127 -15.66 -15.48 16.20
C THR A 127 -16.44 -15.03 17.43
N SER A 128 -17.02 -13.84 17.38
CA SER A 128 -17.79 -13.35 18.53
C SER A 128 -18.84 -14.39 18.88
N GLU A 129 -19.38 -15.04 17.86
CA GLU A 129 -20.39 -16.06 18.03
C GLU A 129 -19.85 -17.23 18.84
N ASP A 130 -18.65 -17.69 18.51
CA ASP A 130 -18.03 -18.81 19.22
C ASP A 130 -17.80 -18.41 20.67
N CYS A 131 -17.32 -17.19 20.88
CA CYS A 131 -17.09 -16.68 22.22
C CYS A 131 -16.63 -15.22 22.13
N GLU A 132 -17.16 -14.40 23.03
CA GLU A 132 -16.85 -12.99 23.06
C GLU A 132 -15.39 -12.59 23.22
N ASN A 133 -14.69 -13.22 24.15
CA ASN A 133 -13.31 -12.87 24.40
C ASN A 133 -12.25 -13.61 23.59
N ASN A 134 -12.30 -13.44 22.27
CA ASN A 134 -11.31 -14.07 21.39
C ASN A 134 -10.21 -13.02 21.14
N PRO A 135 -8.98 -13.48 20.85
CA PRO A 135 -7.85 -12.57 20.61
C PRO A 135 -8.06 -11.39 19.65
N VAL A 136 -8.64 -11.66 18.48
CA VAL A 136 -8.86 -10.63 17.47
C VAL A 136 -9.88 -9.55 17.86
N ASP A 137 -11.04 -9.96 18.38
CA ASP A 137 -12.04 -8.96 18.78
C ASP A 137 -11.56 -8.11 19.94
N SER A 138 -10.96 -8.74 20.94
CA SER A 138 -10.48 -7.98 22.08
C SER A 138 -9.38 -7.01 21.67
N PHE A 139 -8.59 -7.39 20.67
CA PHE A 139 -7.54 -6.52 20.16
C PHE A 139 -8.16 -5.27 19.54
N TRP A 140 -9.10 -5.47 18.63
CA TRP A 140 -9.71 -4.32 17.97
C TRP A 140 -10.54 -3.45 18.90
N LYS A 141 -11.02 -4.02 20.00
CA LYS A 141 -11.78 -3.25 20.99
C LYS A 141 -10.78 -2.32 21.66
N ARG A 142 -9.68 -2.89 22.16
CA ARG A 142 -8.63 -2.11 22.83
C ARG A 142 -8.06 -1.06 21.88
N ALA A 143 -7.76 -1.47 20.65
CA ALA A 143 -7.20 -0.55 19.66
C ALA A 143 -8.17 0.57 19.25
N SER A 144 -9.44 0.24 19.02
CA SER A 144 -10.38 1.29 18.63
C SER A 144 -10.63 2.28 19.76
N ILE A 145 -10.57 1.80 21.01
CA ILE A 145 -10.75 2.69 22.15
C ILE A 145 -9.62 3.72 22.18
N GLN A 146 -8.38 3.25 22.00
CA GLN A 146 -7.23 4.17 22.02
C GLN A 146 -7.27 5.12 20.83
N TYR A 147 -7.61 4.60 19.66
CA TYR A 147 -7.67 5.41 18.46
C TYR A 147 -8.66 6.56 18.65
N SER A 148 -9.82 6.24 19.20
CA SER A 148 -10.86 7.24 19.44
C SER A 148 -10.42 8.29 20.46
N LYS A 149 -9.95 7.84 21.62
CA LYS A 149 -9.50 8.76 22.67
C LYS A 149 -8.44 9.73 22.20
N ASP A 150 -7.56 9.27 21.30
CA ASP A 150 -6.48 10.10 20.83
C ASP A 150 -6.76 10.94 19.58
N SER A 151 -8.01 10.95 19.11
CA SER A 151 -8.39 11.72 17.94
C SER A 151 -8.85 13.14 18.32
N SER A 152 -8.61 14.11 17.44
CA SER A 152 -9.00 15.49 17.72
C SER A 152 -9.26 16.29 16.43
N GLY A 153 -9.91 17.43 16.59
CA GLY A 153 -10.21 18.26 15.43
C GLY A 153 -11.44 17.76 14.72
N VAL A 154 -11.41 17.78 13.39
CA VAL A 154 -12.53 17.31 12.59
C VAL A 154 -12.45 15.79 12.44
N ILE A 155 -13.51 15.10 12.84
CA ILE A 155 -13.59 13.65 12.76
C ILE A 155 -14.28 13.24 11.45
N HIS A 156 -13.62 12.42 10.65
CA HIS A 156 -14.21 11.97 9.40
C HIS A 156 -14.62 10.50 9.52
N VAL A 157 -15.74 10.15 8.91
CA VAL A 157 -16.27 8.78 8.96
C VAL A 157 -16.72 8.39 7.56
N MET A 158 -16.22 7.26 7.06
CA MET A 158 -16.63 6.81 5.74
C MET A 158 -17.58 5.62 5.87
N LEU A 159 -18.83 5.80 5.44
CA LEU A 159 -19.81 4.74 5.53
C LEU A 159 -20.20 4.26 4.14
N ASN A 160 -20.67 3.02 4.04
CA ASN A 160 -21.06 2.46 2.75
C ASN A 160 -22.57 2.56 2.57
N GLY A 161 -23.00 3.44 1.67
CA GLY A 161 -24.42 3.62 1.41
C GLY A 161 -25.05 2.52 0.58
N SER A 162 -24.22 1.57 0.14
CA SER A 162 -24.72 0.45 -0.66
C SER A 162 -24.83 -0.84 0.15
N GLU A 163 -24.50 -0.77 1.44
CA GLU A 163 -24.57 -1.93 2.33
C GLU A 163 -26.04 -2.28 2.60
N PRO A 164 -26.44 -3.54 2.35
CA PRO A 164 -27.83 -4.01 2.55
C PRO A 164 -28.40 -3.86 3.96
N THR A 165 -27.54 -3.80 4.96
CA THR A 165 -28.01 -3.65 6.34
C THR A 165 -28.04 -2.19 6.78
N GLY A 166 -27.80 -1.28 5.85
CA GLY A 166 -27.78 0.12 6.19
C GLY A 166 -26.35 0.61 6.31
N ALA A 167 -26.18 1.93 6.33
CA ALA A 167 -24.86 2.53 6.42
C ALA A 167 -24.25 2.48 7.82
N TYR A 168 -25.11 2.51 8.84
CA TYR A 168 -24.66 2.51 10.24
C TYR A 168 -25.11 1.29 11.06
N PRO A 169 -24.17 0.38 11.39
CA PRO A 169 -24.55 -0.79 12.18
C PRO A 169 -24.62 -0.35 13.65
N ILE A 170 -25.81 -0.38 14.24
CA ILE A 170 -25.98 0.04 15.63
C ILE A 170 -25.15 -0.76 16.64
N LYS A 171 -24.69 -1.93 16.20
CA LYS A 171 -23.88 -2.78 17.05
C LYS A 171 -22.56 -3.02 16.32
N GLY A 172 -21.46 -2.75 17.00
CA GLY A 172 -20.17 -2.93 16.37
C GLY A 172 -19.14 -2.00 16.96
N PHE A 173 -17.94 -2.05 16.40
CA PHE A 173 -16.85 -1.22 16.92
C PHE A 173 -17.08 0.27 16.87
N PHE A 174 -17.59 0.78 15.76
CA PHE A 174 -17.81 2.21 15.67
C PHE A 174 -18.85 2.68 16.69
N ALA A 175 -19.99 2.01 16.72
CA ALA A 175 -21.06 2.38 17.64
C ALA A 175 -20.71 2.11 19.10
N ASP A 176 -20.19 0.93 19.40
CA ASP A 176 -19.88 0.54 20.77
C ASP A 176 -18.51 0.81 21.36
N TYR A 177 -17.50 1.03 20.54
CA TYR A 177 -16.17 1.28 21.10
C TYR A 177 -15.49 2.57 20.68
N GLU A 178 -15.95 3.18 19.60
CA GLU A 178 -15.32 4.40 19.15
C GLU A 178 -16.12 5.65 19.51
N ILE A 179 -17.40 5.70 19.12
CA ILE A 179 -18.23 6.84 19.44
C ILE A 179 -18.22 7.20 20.93
N PRO A 180 -18.42 6.20 21.81
CA PRO A 180 -18.43 6.45 23.27
C PRO A 180 -17.09 6.92 23.83
N ASN A 181 -16.02 6.82 23.04
CA ASN A 181 -14.71 7.22 23.51
C ASN A 181 -14.10 8.45 22.87
N LEU A 182 -14.89 9.16 22.09
CA LEU A 182 -14.39 10.39 21.47
C LEU A 182 -14.35 11.45 22.56
N GLN A 183 -13.35 12.33 22.50
CA GLN A 183 -13.22 13.40 23.50
C GLN A 183 -13.98 14.61 22.97
N LYS A 184 -15.24 14.74 23.37
CA LYS A 184 -16.08 15.85 22.92
C LYS A 184 -15.36 17.18 22.96
N GLU A 185 -14.72 17.46 24.10
CA GLU A 185 -14.00 18.71 24.28
C GLU A 185 -12.83 18.90 23.32
N LYS A 186 -12.34 17.79 22.76
CA LYS A 186 -11.21 17.84 21.86
C LYS A 186 -11.61 17.75 20.39
N ILE A 187 -12.92 17.66 20.14
CA ILE A 187 -13.46 17.52 18.78
C ILE A 187 -14.19 18.73 18.23
N THR A 188 -13.80 19.15 17.03
CA THR A 188 -14.41 20.29 16.35
C THR A 188 -15.80 19.91 15.87
N ARG A 189 -15.85 18.95 14.96
CA ARG A 189 -17.11 18.47 14.40
C ARG A 189 -16.91 17.09 13.79
N ILE A 190 -18.02 16.41 13.51
CA ILE A 190 -17.97 15.10 12.90
C ILE A 190 -18.59 15.19 11.52
N GLU A 191 -17.83 14.79 10.51
CA GLU A 191 -18.29 14.83 9.13
C GLU A 191 -18.38 13.43 8.55
N ILE A 192 -19.57 13.06 8.08
CA ILE A 192 -19.80 11.74 7.51
C ILE A 192 -19.78 11.77 5.98
N TRP A 193 -19.26 10.71 5.38
CA TRP A 193 -19.23 10.56 3.93
C TRP A 193 -20.00 9.26 3.67
N VAL A 194 -21.16 9.35 3.03
CA VAL A 194 -21.93 8.13 2.73
C VAL A 194 -21.67 7.79 1.27
N MET A 195 -20.82 6.80 1.06
CA MET A 195 -20.43 6.40 -0.28
C MET A 195 -21.29 5.31 -0.91
N HIS A 196 -21.61 5.50 -2.19
CA HIS A 196 -22.41 4.52 -2.92
C HIS A 196 -21.55 3.91 -4.02
N GLU A 197 -21.75 2.62 -4.29
CA GLU A 197 -21.00 1.94 -5.34
C GLU A 197 -21.35 2.59 -6.67
N ILE A 198 -20.38 2.64 -7.58
CA ILE A 198 -20.64 3.24 -8.89
C ILE A 198 -21.80 2.47 -9.51
N GLY A 199 -22.88 3.18 -9.81
CA GLY A 199 -24.05 2.52 -10.36
C GLY A 199 -24.67 1.59 -9.33
N GLY A 200 -23.86 1.17 -8.35
CA GLY A 200 -24.32 0.28 -7.29
C GLY A 200 -25.57 0.84 -6.64
N PRO A 201 -26.24 0.08 -5.78
CA PRO A 201 -27.46 0.52 -5.11
C PRO A 201 -27.32 1.58 -4.03
N ASN A 202 -28.32 2.46 -3.99
CA ASN A 202 -28.38 3.52 -3.00
C ASN A 202 -29.35 3.03 -1.91
N VAL A 203 -28.87 2.13 -1.07
CA VAL A 203 -29.70 1.58 0.00
C VAL A 203 -30.07 2.69 0.99
N GLU A 204 -29.06 3.48 1.37
CA GLU A 204 -29.28 4.60 2.29
C GLU A 204 -28.39 5.77 1.91
N SER A 205 -28.94 6.97 2.02
CA SER A 205 -28.18 8.19 1.76
C SER A 205 -28.30 9.00 3.03
N CYS A 206 -27.57 10.12 3.11
CA CYS A 206 -27.60 10.96 4.29
C CYS A 206 -29.05 11.17 4.77
N GLY A 207 -29.25 11.04 6.08
CA GLY A 207 -30.57 11.24 6.67
C GLY A 207 -31.61 10.14 6.45
N GLU A 208 -31.20 8.97 5.98
CA GLU A 208 -32.16 7.89 5.75
C GLU A 208 -31.84 6.65 6.57
N GLY A 209 -32.88 6.01 7.10
CA GLY A 209 -32.71 4.79 7.89
C GLY A 209 -31.71 4.88 9.03
N SER A 210 -30.73 3.98 9.02
CA SER A 210 -29.73 3.96 10.08
C SER A 210 -28.97 5.29 10.19
N MET A 211 -28.90 6.05 9.10
CA MET A 211 -28.21 7.34 9.13
C MET A 211 -28.92 8.34 10.03
N LYS A 212 -30.24 8.19 10.15
CA LYS A 212 -31.04 9.06 11.00
C LYS A 212 -30.69 8.72 12.46
N VAL A 213 -30.56 7.43 12.74
CA VAL A 213 -30.23 6.96 14.08
C VAL A 213 -28.86 7.50 14.51
N LEU A 214 -27.89 7.38 13.62
CA LEU A 214 -26.53 7.86 13.90
C LEU A 214 -26.53 9.36 14.12
N GLU A 215 -27.15 10.09 13.18
CA GLU A 215 -27.24 11.53 13.27
C GLU A 215 -27.85 11.98 14.59
N LYS A 216 -28.91 11.32 15.02
CA LYS A 216 -29.57 11.66 16.27
C LYS A 216 -28.67 11.43 17.48
N ARG A 217 -27.97 10.29 17.50
CA ARG A 217 -27.11 10.00 18.63
C ARG A 217 -25.98 11.02 18.71
N LEU A 218 -25.30 11.25 17.60
CA LEU A 218 -24.19 12.21 17.61
C LEU A 218 -24.69 13.58 18.06
N LYS A 219 -25.83 14.02 17.54
CA LYS A 219 -26.36 15.31 17.93
C LYS A 219 -26.80 15.33 19.40
N ASP A 220 -27.38 14.23 19.88
CA ASP A 220 -27.80 14.16 21.28
C ASP A 220 -26.58 14.22 22.21
N MET A 221 -25.43 13.82 21.69
CA MET A 221 -24.20 13.83 22.47
C MET A 221 -23.55 15.20 22.47
N GLY A 222 -24.08 16.10 21.65
CA GLY A 222 -23.54 17.45 21.58
C GLY A 222 -22.53 17.72 20.49
N PHE A 223 -22.40 16.82 19.53
CA PHE A 223 -21.44 17.00 18.44
C PHE A 223 -22.00 17.82 17.30
N GLN A 224 -21.16 18.64 16.67
CA GLN A 224 -21.58 19.39 15.50
C GLN A 224 -21.52 18.31 14.42
N TYR A 225 -22.58 18.19 13.63
CA TYR A 225 -22.68 17.14 12.62
C TYR A 225 -22.89 17.61 11.19
N SER A 226 -22.40 16.82 10.23
CA SER A 226 -22.58 17.10 8.81
C SER A 226 -22.42 15.80 8.04
N CYS A 227 -23.21 15.63 6.99
CA CYS A 227 -23.18 14.42 6.18
C CYS A 227 -23.11 14.77 4.71
N ILE A 228 -22.23 14.07 3.99
CA ILE A 228 -22.05 14.31 2.57
C ILE A 228 -22.21 13.02 1.78
N ASN A 229 -23.08 13.03 0.79
CA ASN A 229 -23.27 11.85 -0.05
C ASN A 229 -22.17 11.84 -1.10
N ASP A 230 -21.53 10.68 -1.25
CA ASP A 230 -20.48 10.54 -2.25
C ASP A 230 -19.47 11.67 -2.33
N TYR A 231 -18.81 11.94 -1.20
CA TYR A 231 -17.78 12.96 -1.09
C TYR A 231 -16.88 12.81 -2.34
N ARG A 232 -16.80 13.88 -3.14
CA ARG A 232 -16.07 13.90 -4.40
C ARG A 232 -14.64 13.31 -4.50
N PRO A 233 -13.75 13.66 -3.57
CA PRO A 233 -12.40 13.09 -3.68
C PRO A 233 -12.45 11.56 -3.71
N VAL A 234 -13.30 10.97 -2.86
CA VAL A 234 -13.45 9.52 -2.77
C VAL A 234 -14.17 8.96 -3.99
N LYS A 235 -15.16 9.70 -4.50
CA LYS A 235 -15.89 9.26 -5.68
C LYS A 235 -14.91 9.13 -6.84
N LEU A 236 -13.99 10.10 -6.96
CA LEU A 236 -13.00 10.08 -8.02
C LEU A 236 -12.13 8.82 -7.92
N LEU A 237 -11.79 8.43 -6.69
CA LEU A 237 -11.00 7.22 -6.49
C LEU A 237 -11.80 6.00 -6.96
N GLN A 238 -13.08 5.93 -6.56
CA GLN A 238 -13.94 4.82 -6.97
C GLN A 238 -14.01 4.75 -8.50
N CYS A 239 -14.10 5.93 -9.12
CA CYS A 239 -14.18 6.04 -10.57
C CYS A 239 -12.99 5.51 -11.37
N VAL A 240 -11.84 5.40 -10.71
CA VAL A 240 -10.64 4.90 -11.37
C VAL A 240 -10.92 3.53 -12.00
N ASP A 241 -11.85 2.78 -11.42
CA ASP A 241 -12.21 1.45 -11.91
C ASP A 241 -13.49 1.42 -12.74
N HIS A 242 -14.06 2.59 -13.01
CA HIS A 242 -15.29 2.70 -13.80
C HIS A 242 -15.17 3.99 -14.61
N SER A 243 -14.05 4.14 -15.31
CA SER A 243 -13.79 5.34 -16.09
C SER A 243 -14.76 5.61 -17.24
N THR A 244 -15.39 4.57 -17.76
CA THR A 244 -16.33 4.75 -18.87
C THR A 244 -17.78 4.80 -18.42
N HIS A 245 -18.01 4.81 -17.11
CA HIS A 245 -19.37 4.86 -16.57
C HIS A 245 -19.83 6.30 -16.53
N PRO A 246 -21.11 6.55 -16.87
CA PRO A 246 -21.63 7.93 -16.85
C PRO A 246 -21.43 8.68 -15.54
N ASP A 247 -21.52 7.98 -14.41
CA ASP A 247 -21.31 8.62 -13.11
C ASP A 247 -19.90 9.17 -13.02
N CYS A 248 -19.02 8.63 -13.84
CA CYS A 248 -17.61 9.00 -13.81
C CYS A 248 -17.09 9.85 -14.97
N ALA A 249 -17.98 10.21 -15.90
CA ALA A 249 -17.57 11.02 -17.05
C ALA A 249 -17.12 12.41 -16.62
N LEU A 250 -16.03 12.89 -17.21
CA LEU A 250 -15.49 14.21 -16.89
C LEU A 250 -16.05 15.30 -17.81
N LYS A 251 -16.19 16.51 -17.27
CA LYS A 251 -16.69 17.63 -18.06
C LYS A 251 -15.71 17.94 -19.19
N TRP B 2 29.39 8.23 0.71
CA TRP B 2 29.30 8.50 -0.75
C TRP B 2 28.25 9.58 -1.03
N ARG B 3 27.57 9.49 -2.17
CA ARG B 3 26.57 10.48 -2.54
C ARG B 3 25.12 10.03 -2.34
N ALA B 4 24.89 8.72 -2.26
CA ALA B 4 23.53 8.19 -2.07
C ALA B 4 23.23 7.90 -0.61
N GLU B 5 21.95 7.76 -0.28
CA GLU B 5 21.55 7.49 1.09
C GLU B 5 22.07 6.14 1.58
N GLY B 6 22.38 6.08 2.87
CA GLY B 6 22.89 4.86 3.46
C GLY B 6 21.85 3.76 3.40
N THR B 7 22.24 2.56 3.82
CA THR B 7 21.32 1.44 3.78
C THR B 7 20.14 1.66 4.72
N SER B 8 18.96 1.25 4.27
CA SER B 8 17.74 1.41 5.05
C SER B 8 17.82 0.67 6.38
N ALA B 9 17.39 1.33 7.45
CA ALA B 9 17.41 0.73 8.77
C ALA B 9 16.43 -0.44 8.81
N HIS B 10 16.80 -1.50 9.53
CA HIS B 10 15.96 -2.68 9.65
C HIS B 10 15.70 -3.33 8.30
N LEU B 11 16.67 -3.22 7.40
CA LEU B 11 16.57 -3.80 6.06
C LEU B 11 16.09 -5.24 6.08
N ARG B 12 16.69 -6.07 6.93
CA ARG B 12 16.31 -7.48 7.01
C ARG B 12 14.85 -7.70 7.41
N ASP B 13 14.40 -7.05 8.49
CA ASP B 13 13.02 -7.21 8.92
C ASP B 13 12.04 -6.74 7.84
N ILE B 14 12.37 -5.63 7.19
CA ILE B 14 11.50 -5.09 6.14
C ILE B 14 11.45 -6.05 4.95
N PHE B 15 12.62 -6.53 4.55
CA PHE B 15 12.78 -7.47 3.45
C PHE B 15 11.92 -8.72 3.67
N LEU B 16 12.11 -9.36 4.83
CA LEU B 16 11.38 -10.58 5.18
C LEU B 16 9.88 -10.36 5.32
N GLY B 17 9.49 -9.23 5.90
CA GLY B 17 8.07 -8.96 6.08
C GLY B 17 7.37 -8.82 4.75
N ARG B 18 7.98 -8.03 3.88
CA ARG B 18 7.45 -7.79 2.54
C ARG B 18 7.38 -9.10 1.77
N CYS B 19 8.42 -9.92 1.91
CA CYS B 19 8.46 -11.20 1.22
C CYS B 19 7.31 -12.06 1.72
N ALA B 20 7.17 -12.13 3.04
CA ALA B 20 6.11 -12.91 3.66
C ALA B 20 4.73 -12.43 3.19
N GLU B 21 4.50 -11.13 3.18
CA GLU B 21 3.20 -10.62 2.73
C GLU B 21 2.94 -10.89 1.25
N TYR B 22 3.98 -10.79 0.44
CA TYR B 22 3.80 -11.01 -1.00
C TYR B 22 3.42 -12.44 -1.32
N ARG B 23 3.89 -13.40 -0.54
CA ARG B 23 3.58 -14.80 -0.80
C ARG B 23 2.08 -15.03 -1.00
N ALA B 24 1.27 -14.31 -0.23
CA ALA B 24 -0.18 -14.44 -0.33
C ALA B 24 -0.66 -13.98 -1.71
N LEU B 25 0.11 -13.12 -2.35
CA LEU B 25 -0.26 -12.60 -3.66
C LEU B 25 0.17 -13.52 -4.80
N LEU B 26 0.76 -14.65 -4.45
CA LEU B 26 1.22 -15.61 -5.45
C LEU B 26 0.23 -16.74 -5.67
N SER B 27 0.22 -17.28 -6.88
CA SER B 27 -0.66 -18.40 -7.19
C SER B 27 -0.23 -19.56 -6.29
N PRO B 28 -1.20 -20.38 -5.85
CA PRO B 28 -0.84 -21.51 -4.98
C PRO B 28 0.29 -22.33 -5.61
N GLU B 29 0.24 -22.47 -6.93
CA GLU B 29 1.24 -23.23 -7.67
C GLU B 29 2.67 -22.70 -7.52
N GLN B 30 2.82 -21.41 -7.22
CA GLN B 30 4.14 -20.83 -7.07
C GLN B 30 4.37 -20.18 -5.71
N ARG B 31 3.40 -20.31 -4.81
CA ARG B 31 3.50 -19.71 -3.48
C ARG B 31 4.64 -20.29 -2.66
N ASN B 32 5.23 -21.38 -3.14
CA ASN B 32 6.34 -22.04 -2.46
C ASN B 32 7.60 -21.18 -2.56
N LYS B 33 7.74 -20.24 -1.64
CA LYS B 33 8.90 -19.35 -1.63
C LYS B 33 9.58 -19.36 -0.27
N ASP B 34 10.90 -19.42 -0.28
CA ASP B 34 11.68 -19.44 0.95
C ASP B 34 12.25 -18.05 1.16
N CYS B 35 11.52 -17.23 1.91
CA CYS B 35 11.96 -15.86 2.16
C CYS B 35 13.34 -15.75 2.80
N THR B 36 13.65 -16.63 3.75
CA THR B 36 14.95 -16.59 4.40
C THR B 36 16.06 -16.93 3.41
N ALA B 37 15.80 -17.89 2.53
CA ALA B 37 16.77 -18.29 1.52
C ALA B 37 16.91 -17.15 0.53
N ILE B 38 15.80 -16.50 0.21
CA ILE B 38 15.84 -15.38 -0.72
C ILE B 38 16.70 -14.27 -0.14
N TRP B 39 16.57 -14.04 1.17
CA TRP B 39 17.38 -13.03 1.84
C TRP B 39 18.86 -13.38 1.74
N GLU B 40 19.19 -14.64 2.00
CA GLU B 40 20.59 -15.07 1.94
C GLU B 40 21.18 -14.89 0.54
N ALA B 41 20.40 -15.17 -0.49
CA ALA B 41 20.88 -15.00 -1.86
C ALA B 41 21.14 -13.52 -2.11
N PHE B 42 20.24 -12.67 -1.62
CA PHE B 42 20.37 -11.22 -1.75
C PHE B 42 21.64 -10.76 -1.05
N LYS B 43 21.91 -11.33 0.12
CA LYS B 43 23.12 -10.97 0.89
C LYS B 43 24.43 -11.27 0.19
N VAL B 44 24.43 -12.27 -0.69
CA VAL B 44 25.64 -12.62 -1.42
C VAL B 44 26.20 -11.40 -2.14
N ALA B 45 25.32 -10.65 -2.79
CA ALA B 45 25.70 -9.45 -3.51
C ALA B 45 25.97 -8.31 -2.55
N LEU B 46 25.32 -8.35 -1.39
CA LEU B 46 25.48 -7.31 -0.40
C LEU B 46 26.85 -7.33 0.28
N ASP B 47 27.29 -8.51 0.71
CA ASP B 47 28.56 -8.69 1.40
C ASP B 47 29.79 -8.64 0.49
N LYS B 48 29.91 -7.57 -0.29
CA LYS B 48 31.04 -7.40 -1.20
C LYS B 48 31.40 -5.92 -1.21
N ASP B 49 32.49 -5.57 -1.88
CA ASP B 49 32.90 -4.17 -1.96
C ASP B 49 31.76 -3.38 -2.62
N PRO B 50 31.31 -2.29 -1.97
CA PRO B 50 30.23 -1.44 -2.48
C PRO B 50 30.42 -0.86 -3.87
N CYS B 51 31.55 -1.17 -4.50
CA CYS B 51 31.81 -0.69 -5.85
C CYS B 51 32.23 -1.86 -6.73
N SER B 52 31.91 -3.06 -6.30
CA SER B 52 32.27 -4.26 -7.06
C SER B 52 31.09 -5.21 -7.22
N VAL B 53 29.88 -4.69 -7.16
CA VAL B 53 28.69 -5.52 -7.30
C VAL B 53 28.18 -5.47 -8.74
N LEU B 54 28.04 -6.64 -9.34
CA LEU B 54 27.56 -6.74 -10.71
C LEU B 54 26.15 -7.29 -10.72
N PRO B 55 25.38 -7.00 -11.79
CA PRO B 55 24.00 -7.47 -11.89
C PRO B 55 23.95 -9.00 -11.75
N SER B 56 24.92 -9.68 -12.34
CA SER B 56 24.97 -11.14 -12.28
C SER B 56 25.15 -11.66 -10.86
N ASP B 57 25.63 -10.81 -9.96
CA ASP B 57 25.79 -11.23 -8.57
C ASP B 57 24.43 -11.50 -7.94
N TYR B 58 23.38 -11.03 -8.61
CA TYR B 58 22.02 -11.24 -8.10
C TYR B 58 21.30 -12.38 -8.80
N ASP B 59 22.04 -13.17 -9.59
CA ASP B 59 21.43 -14.29 -10.30
C ASP B 59 20.73 -15.28 -9.38
N LEU B 60 21.38 -15.63 -8.28
CA LEU B 60 20.80 -16.56 -7.32
C LEU B 60 19.52 -15.95 -6.72
N PHE B 61 19.62 -14.69 -6.31
CA PHE B 61 18.46 -13.99 -5.73
C PHE B 61 17.27 -14.04 -6.69
N ILE B 62 17.51 -13.76 -7.96
CA ILE B 62 16.43 -13.81 -8.95
C ILE B 62 15.89 -15.23 -9.10
N THR B 63 16.79 -16.20 -9.24
CA THR B 63 16.35 -17.58 -9.42
C THR B 63 15.42 -18.03 -8.29
N LEU B 64 15.77 -17.72 -7.04
CA LEU B 64 14.95 -18.10 -5.90
C LEU B 64 13.65 -17.34 -5.72
N SER B 65 13.55 -16.14 -6.29
CA SER B 65 12.33 -15.35 -6.12
C SER B 65 11.48 -15.19 -7.38
N ARG B 66 12.02 -15.61 -8.52
CA ARG B 66 11.33 -15.50 -9.79
C ARG B 66 9.97 -16.20 -9.84
N HIS B 67 8.98 -15.54 -10.43
CA HIS B 67 7.65 -16.11 -10.59
C HIS B 67 7.07 -15.49 -11.84
N SER B 68 5.97 -16.05 -12.34
CA SER B 68 5.39 -15.51 -13.56
C SER B 68 4.64 -14.20 -13.39
N ILE B 69 4.56 -13.46 -14.49
CA ILE B 69 3.87 -12.17 -14.53
C ILE B 69 2.69 -12.38 -15.45
N PRO B 70 1.47 -12.05 -14.98
CA PRO B 70 0.29 -12.24 -15.84
C PRO B 70 0.39 -11.48 -17.15
N ARG B 71 -0.13 -12.11 -18.21
CA ARG B 71 -0.14 -11.51 -19.53
C ARG B 71 -0.92 -10.20 -19.48
N ASP B 72 -0.47 -9.21 -20.25
CA ASP B 72 -1.12 -7.90 -20.30
C ASP B 72 -1.12 -7.12 -18.99
N LYS B 73 -0.40 -7.61 -17.98
CA LYS B 73 -0.37 -6.92 -16.70
C LYS B 73 0.88 -6.14 -16.37
N SER B 74 1.89 -6.21 -17.23
CA SER B 74 3.12 -5.47 -16.97
C SER B 74 2.93 -3.98 -17.17
N LEU B 75 3.62 -3.20 -16.34
CA LEU B 75 3.55 -1.74 -16.40
C LEU B 75 4.93 -1.15 -16.16
N PHE B 76 5.52 -0.61 -17.23
CA PHE B 76 6.83 0.00 -17.15
C PHE B 76 6.61 1.49 -16.93
N TRP B 77 7.66 2.22 -16.55
CA TRP B 77 7.49 3.64 -16.30
C TRP B 77 8.79 4.41 -16.13
N GLU B 78 8.64 5.74 -16.10
CA GLU B 78 9.73 6.68 -15.90
C GLU B 78 9.12 7.89 -15.22
N ASN B 79 9.80 8.42 -14.20
CA ASN B 79 9.36 9.62 -13.50
C ASN B 79 7.93 9.67 -12.97
N SER B 80 7.43 8.55 -12.42
CA SER B 80 6.08 8.52 -11.85
C SER B 80 5.92 7.36 -10.86
N HIS B 81 6.96 7.16 -10.06
CA HIS B 81 7.02 6.10 -9.06
C HIS B 81 5.76 5.93 -8.20
N LEU B 82 5.37 7.00 -7.50
CA LEU B 82 4.21 6.93 -6.62
C LEU B 82 2.88 6.74 -7.35
N LEU B 83 2.75 7.36 -8.52
CA LEU B 83 1.50 7.24 -9.28
C LEU B 83 1.35 5.79 -9.77
N VAL B 84 2.46 5.20 -10.22
CA VAL B 84 2.43 3.81 -10.68
C VAL B 84 2.05 2.86 -9.54
N ASN B 85 2.68 3.03 -8.38
CA ASN B 85 2.38 2.17 -7.23
C ASN B 85 0.92 2.26 -6.82
N SER B 86 0.36 3.48 -6.78
CA SER B 86 -1.03 3.66 -6.40
C SER B 86 -1.99 3.09 -7.43
N PHE B 87 -1.74 3.38 -8.70
CA PHE B 87 -2.61 2.88 -9.75
C PHE B 87 -2.63 1.36 -9.82
N ALA B 88 -1.45 0.73 -9.72
CA ALA B 88 -1.32 -0.73 -9.78
C ALA B 88 -2.14 -1.37 -8.67
N ASP B 89 -2.24 -0.66 -7.56
CA ASP B 89 -3.03 -1.13 -6.43
C ASP B 89 -2.68 -2.57 -6.00
N ASN B 90 -1.42 -2.77 -5.63
CA ASN B 90 -0.94 -4.06 -5.12
C ASN B 90 -1.34 -5.28 -5.95
N THR B 91 -1.06 -5.21 -7.25
CA THR B 91 -1.34 -6.26 -8.25
C THR B 91 -2.80 -6.34 -8.69
N ARG B 92 -3.67 -5.57 -8.04
CA ARG B 92 -5.08 -5.58 -8.39
C ARG B 92 -5.38 -5.08 -9.81
N ARG B 93 -4.67 -4.03 -10.25
CA ARG B 93 -4.89 -3.49 -11.60
C ARG B 93 -3.77 -3.89 -12.55
N PHE B 94 -2.53 -3.67 -12.12
CA PHE B 94 -1.38 -4.04 -12.93
C PHE B 94 -0.27 -4.57 -12.04
N MET B 95 0.72 -5.19 -12.68
CA MET B 95 1.82 -5.72 -11.91
C MET B 95 3.16 -5.11 -12.30
N PRO B 96 3.45 -3.88 -11.85
CA PRO B 96 4.72 -3.22 -12.16
C PRO B 96 5.79 -3.99 -11.37
N LEU B 97 7.07 -3.75 -11.65
CA LEU B 97 8.15 -4.47 -10.96
C LEU B 97 8.07 -4.39 -9.44
N SER B 98 7.57 -3.28 -8.91
CA SER B 98 7.47 -3.14 -7.47
C SER B 98 6.40 -4.08 -6.91
N ASP B 99 5.56 -4.64 -7.79
CA ASP B 99 4.53 -5.58 -7.35
C ASP B 99 4.82 -7.01 -7.82
N VAL B 100 6.10 -7.28 -8.04
CA VAL B 100 6.60 -8.59 -8.44
C VAL B 100 7.53 -8.90 -7.26
N LEU B 101 7.52 -10.13 -6.76
CA LEU B 101 8.35 -10.48 -5.60
C LEU B 101 9.75 -9.87 -5.51
N TYR B 102 10.58 -10.09 -6.51
CA TYR B 102 11.94 -9.56 -6.43
C TYR B 102 12.04 -8.03 -6.45
N GLY B 103 11.01 -7.37 -6.94
CA GLY B 103 11.01 -5.92 -6.96
C GLY B 103 10.38 -5.39 -5.67
N ARG B 104 9.36 -6.09 -5.20
CA ARG B 104 8.64 -5.73 -3.97
C ARG B 104 9.55 -5.63 -2.73
N VAL B 105 10.51 -6.53 -2.60
CA VAL B 105 11.38 -6.49 -1.43
C VAL B 105 12.37 -5.34 -1.42
N ALA B 106 12.57 -4.70 -2.57
CA ALA B 106 13.54 -3.61 -2.63
C ALA B 106 12.97 -2.21 -2.85
N ASP B 107 11.69 -2.11 -3.23
CA ASP B 107 11.07 -0.81 -3.50
C ASP B 107 11.34 0.24 -2.41
N PHE B 108 11.90 1.38 -2.81
CA PHE B 108 12.21 2.50 -1.90
C PHE B 108 13.44 2.29 -1.03
N LEU B 109 13.96 1.06 -0.98
CA LEU B 109 15.10 0.77 -0.12
C LEU B 109 16.49 1.10 -0.69
N SER B 110 17.46 1.16 0.20
CA SER B 110 18.85 1.44 -0.16
C SER B 110 19.73 0.50 0.65
N TRP B 111 20.88 0.12 0.09
CA TRP B 111 21.76 -0.81 0.78
C TRP B 111 23.17 -0.89 0.18
N CYS B 112 24.14 -1.19 1.03
CA CYS B 112 25.52 -1.33 0.64
C CYS B 112 26.36 -1.69 1.86
N ARG B 113 27.43 -2.44 1.65
CA ARG B 113 28.31 -2.83 2.74
C ARG B 113 29.36 -1.74 2.86
N GLN B 114 29.89 -1.56 4.07
CA GLN B 114 30.92 -0.55 4.30
C GLN B 114 32.14 -0.80 3.44
N LYS B 115 32.78 0.29 3.01
CA LYS B 115 33.95 0.21 2.15
C LYS B 115 35.07 -0.70 2.69
N ALA B 116 35.39 -0.57 3.97
CA ALA B 116 36.45 -1.38 4.56
C ALA B 116 35.99 -2.34 5.64
N ASP B 117 34.82 -2.07 6.22
CA ASP B 117 34.27 -2.92 7.27
C ASP B 117 33.28 -3.90 6.66
N SER B 118 33.00 -5.00 7.35
CA SER B 118 32.08 -6.01 6.85
C SER B 118 30.62 -5.64 7.10
N GLY B 119 30.38 -4.74 8.05
CA GLY B 119 29.02 -4.33 8.36
C GLY B 119 28.41 -3.47 7.27
N LEU B 120 27.09 -3.34 7.28
CA LEU B 120 26.38 -2.54 6.30
C LEU B 120 26.65 -1.06 6.56
N ASP B 121 26.71 -0.27 5.51
CA ASP B 121 26.95 1.17 5.64
C ASP B 121 25.64 1.94 5.74
N TYR B 122 25.26 2.31 6.97
CA TYR B 122 24.03 3.04 7.20
C TYR B 122 24.20 4.54 7.08
N GLN B 123 25.41 4.98 6.73
CA GLN B 123 25.69 6.41 6.59
C GLN B 123 25.46 6.90 5.17
N SER B 124 25.99 6.16 4.20
CA SER B 124 25.83 6.52 2.80
C SER B 124 26.22 5.36 1.89
N CYS B 125 25.73 5.42 0.65
CA CYS B 125 26.01 4.40 -0.35
C CYS B 125 26.40 5.08 -1.66
N PRO B 126 27.21 4.39 -2.49
CA PRO B 126 27.64 4.96 -3.77
C PRO B 126 26.57 5.16 -4.84
N THR B 127 26.75 6.21 -5.64
CA THR B 127 25.82 6.50 -6.72
C THR B 127 26.53 6.09 -8.01
N SER B 128 25.84 6.18 -9.14
CA SER B 128 26.45 5.79 -10.40
C SER B 128 27.70 6.64 -10.59
N GLU B 129 27.68 7.84 -10.02
CA GLU B 129 28.80 8.76 -10.12
C GLU B 129 29.98 8.30 -9.27
N ASP B 130 29.71 7.89 -8.04
CA ASP B 130 30.77 7.41 -7.15
C ASP B 130 31.42 6.20 -7.80
N CYS B 131 30.60 5.33 -8.38
CA CYS B 131 31.07 4.14 -9.08
C CYS B 131 29.89 3.41 -9.72
N GLU B 132 30.11 2.87 -10.91
CA GLU B 132 29.07 2.17 -11.65
C GLU B 132 28.54 0.90 -11.00
N ASN B 133 29.45 0.04 -10.54
CA ASN B 133 29.03 -1.21 -9.93
C ASN B 133 28.68 -1.16 -8.45
N ASN B 134 27.63 -0.40 -8.13
CA ASN B 134 27.16 -0.32 -6.75
C ASN B 134 26.00 -1.30 -6.59
N PRO B 135 25.75 -1.75 -5.35
CA PRO B 135 24.68 -2.72 -5.01
C PRO B 135 23.28 -2.39 -5.57
N VAL B 136 22.79 -1.20 -5.28
CA VAL B 136 21.47 -0.79 -5.73
C VAL B 136 21.32 -0.71 -7.25
N ASP B 137 22.22 -0.02 -7.93
CA ASP B 137 22.09 0.09 -9.38
C ASP B 137 22.20 -1.27 -10.06
N SER B 138 23.13 -2.11 -9.62
CA SER B 138 23.27 -3.42 -10.22
C SER B 138 22.02 -4.26 -9.97
N PHE B 139 21.40 -4.08 -8.81
CA PHE B 139 20.18 -4.82 -8.46
C PHE B 139 19.05 -4.50 -9.46
N TRP B 140 18.77 -3.21 -9.62
CA TRP B 140 17.69 -2.80 -10.51
C TRP B 140 17.95 -3.14 -11.98
N LYS B 141 19.21 -3.22 -12.36
CA LYS B 141 19.55 -3.61 -13.73
C LYS B 141 19.15 -5.07 -13.90
N ARG B 142 19.60 -5.93 -12.99
CA ARG B 142 19.28 -7.36 -13.05
C ARG B 142 17.79 -7.60 -12.98
N ALA B 143 17.12 -6.88 -12.08
CA ALA B 143 15.68 -7.02 -11.89
C ALA B 143 14.88 -6.53 -13.09
N SER B 144 15.27 -5.39 -13.65
CA SER B 144 14.54 -4.87 -14.80
C SER B 144 14.71 -5.79 -16.02
N ILE B 145 15.86 -6.46 -16.11
CA ILE B 145 16.09 -7.37 -17.22
C ILE B 145 15.13 -8.56 -17.11
N GLN B 146 15.05 -9.14 -15.91
CA GLN B 146 14.16 -10.28 -15.70
C GLN B 146 12.70 -9.89 -15.89
N TYR B 147 12.31 -8.75 -15.32
CA TYR B 147 10.94 -8.28 -15.44
C TYR B 147 10.54 -8.13 -16.91
N SER B 148 11.46 -7.60 -17.71
CA SER B 148 11.21 -7.40 -19.14
C SER B 148 11.13 -8.74 -19.87
N LYS B 149 12.09 -9.63 -19.60
CA LYS B 149 12.10 -10.94 -20.23
C LYS B 149 10.83 -11.73 -19.95
N ASP B 150 10.30 -11.59 -18.74
CA ASP B 150 9.09 -12.33 -18.36
C ASP B 150 7.75 -11.64 -18.64
N SER B 151 7.78 -10.49 -19.30
CA SER B 151 6.54 -9.78 -19.63
C SER B 151 5.95 -10.26 -20.95
N SER B 152 4.62 -10.25 -21.07
CA SER B 152 3.96 -10.69 -22.30
C SER B 152 2.62 -10.02 -22.56
N GLY B 153 2.10 -10.20 -23.78
CA GLY B 153 0.83 -9.62 -24.16
C GLY B 153 0.96 -8.14 -24.45
N VAL B 154 -0.01 -7.35 -23.99
CA VAL B 154 0.02 -5.90 -24.19
C VAL B 154 0.93 -5.28 -23.12
N ILE B 155 1.91 -4.50 -23.57
CA ILE B 155 2.86 -3.86 -22.68
C ILE B 155 2.42 -2.42 -22.40
N HIS B 156 2.31 -2.06 -21.12
CA HIS B 156 1.90 -0.72 -20.77
C HIS B 156 3.08 0.07 -20.19
N VAL B 157 3.17 1.34 -20.54
CA VAL B 157 4.25 2.20 -20.07
C VAL B 157 3.69 3.55 -19.60
N MET B 158 3.99 3.94 -18.36
CA MET B 158 3.50 5.24 -17.86
C MET B 158 4.65 6.25 -17.84
N LEU B 159 4.53 7.29 -18.66
CA LEU B 159 5.56 8.32 -18.71
C LEU B 159 5.00 9.64 -18.17
N ASN B 160 5.89 10.49 -17.69
CA ASN B 160 5.51 11.77 -17.13
C ASN B 160 5.71 12.88 -18.17
N GLY B 161 4.61 13.37 -18.74
CA GLY B 161 4.68 14.42 -19.74
C GLY B 161 4.96 15.81 -19.19
N SER B 162 5.07 15.92 -17.87
CA SER B 162 5.36 17.20 -17.23
C SER B 162 6.81 17.28 -16.80
N GLU B 163 7.58 16.25 -17.14
CA GLU B 163 9.01 16.21 -16.81
C GLU B 163 9.74 17.19 -17.73
N PRO B 164 10.42 18.19 -17.13
CA PRO B 164 11.18 19.22 -17.86
C PRO B 164 12.04 18.70 -18.99
N THR B 165 12.83 17.66 -18.72
CA THR B 165 13.75 17.09 -19.69
C THR B 165 13.15 16.14 -20.74
N GLY B 166 11.83 15.99 -20.76
CA GLY B 166 11.21 15.09 -21.74
C GLY B 166 10.55 13.87 -21.10
N ALA B 167 9.57 13.29 -21.79
CA ALA B 167 8.85 12.12 -21.27
C ALA B 167 9.67 10.84 -21.29
N TYR B 168 10.45 10.64 -22.36
CA TYR B 168 11.28 9.45 -22.52
C TYR B 168 12.79 9.72 -22.41
N PRO B 169 13.43 9.29 -21.31
CA PRO B 169 14.87 9.51 -21.12
C PRO B 169 15.62 8.49 -21.96
N ILE B 170 16.42 8.94 -22.94
CA ILE B 170 17.14 7.98 -23.77
C ILE B 170 18.21 7.26 -22.97
N LYS B 171 18.43 7.75 -21.75
CA LYS B 171 19.40 7.12 -20.85
C LYS B 171 18.61 6.87 -19.57
N GLY B 172 18.26 5.61 -19.34
CA GLY B 172 17.50 5.25 -18.16
C GLY B 172 17.31 3.75 -18.18
N PHE B 173 16.67 3.21 -17.14
CA PHE B 173 16.48 1.77 -17.09
C PHE B 173 15.56 1.27 -18.19
N PHE B 174 14.51 2.04 -18.49
CA PHE B 174 13.58 1.63 -19.52
C PHE B 174 14.29 1.53 -20.87
N ALA B 175 14.95 2.62 -21.26
CA ALA B 175 15.66 2.66 -22.52
C ALA B 175 16.84 1.70 -22.58
N ASP B 176 17.62 1.65 -21.51
CA ASP B 176 18.82 0.81 -21.51
C ASP B 176 18.73 -0.64 -21.05
N TYR B 177 17.77 -0.97 -20.19
CA TYR B 177 17.69 -2.35 -19.71
C TYR B 177 16.37 -3.08 -19.91
N GLU B 178 15.30 -2.36 -20.19
CA GLU B 178 14.02 -3.03 -20.37
C GLU B 178 13.63 -3.18 -21.84
N ILE B 179 13.66 -2.09 -22.60
CA ILE B 179 13.31 -2.15 -24.01
C ILE B 179 14.11 -3.23 -24.76
N PRO B 180 15.44 -3.28 -24.56
CA PRO B 180 16.28 -4.28 -25.24
C PRO B 180 16.02 -5.72 -24.79
N ASN B 181 15.29 -5.90 -23.70
CA ASN B 181 15.02 -7.25 -23.21
C ASN B 181 13.59 -7.73 -23.40
N LEU B 182 12.77 -6.91 -24.05
CA LEU B 182 11.39 -7.29 -24.32
C LEU B 182 11.46 -8.38 -25.38
N GLN B 183 10.59 -9.39 -25.29
CA GLN B 183 10.58 -10.48 -26.25
C GLN B 183 9.42 -10.26 -27.21
N LYS B 184 9.72 -9.69 -28.37
CA LYS B 184 8.69 -9.39 -29.36
C LYS B 184 7.79 -10.58 -29.66
N GLU B 185 8.37 -11.77 -29.74
CA GLU B 185 7.62 -12.98 -30.04
C GLU B 185 6.39 -13.16 -29.16
N LYS B 186 6.48 -12.82 -27.89
CA LYS B 186 5.34 -12.98 -27.00
C LYS B 186 4.67 -11.67 -26.58
N ILE B 187 4.91 -10.62 -27.36
CA ILE B 187 4.31 -9.32 -27.08
C ILE B 187 3.35 -8.99 -28.22
N THR B 188 2.17 -8.51 -27.88
CA THR B 188 1.19 -8.17 -28.91
C THR B 188 1.30 -6.71 -29.36
N ARG B 189 1.51 -5.82 -28.41
CA ARG B 189 1.62 -4.40 -28.73
C ARG B 189 2.12 -3.62 -27.51
N ILE B 190 2.58 -2.39 -27.76
CA ILE B 190 3.06 -1.54 -26.68
C ILE B 190 2.19 -0.30 -26.64
N GLU B 191 1.69 0.03 -25.45
CA GLU B 191 0.82 1.17 -25.26
C GLU B 191 1.39 2.13 -24.23
N ILE B 192 1.57 3.38 -24.62
CA ILE B 192 2.13 4.38 -23.73
C ILE B 192 1.05 5.30 -23.20
N TRP B 193 1.23 5.73 -21.95
CA TRP B 193 0.31 6.66 -21.31
C TRP B 193 1.17 7.87 -20.92
N VAL B 194 1.00 8.98 -21.63
CA VAL B 194 1.77 10.18 -21.30
C VAL B 194 0.91 11.05 -20.39
N MET B 195 1.23 11.00 -19.09
CA MET B 195 0.50 11.72 -18.06
C MET B 195 1.04 13.10 -17.74
N HIS B 196 0.13 14.06 -17.59
CA HIS B 196 0.51 15.43 -17.25
C HIS B 196 -0.06 15.78 -15.90
N GLU B 197 0.70 16.55 -15.12
CA GLU B 197 0.24 16.98 -13.82
C GLU B 197 -1.03 17.80 -14.01
N ILE B 198 -1.96 17.72 -13.06
CA ILE B 198 -3.20 18.47 -13.17
C ILE B 198 -2.83 19.94 -13.29
N GLY B 199 -3.31 20.58 -14.35
CA GLY B 199 -2.98 21.98 -14.55
C GLY B 199 -1.48 22.13 -14.75
N GLY B 200 -0.72 21.11 -14.35
CA GLY B 200 0.72 21.11 -14.49
C GLY B 200 1.11 21.37 -15.92
N PRO B 201 2.41 21.51 -16.23
CA PRO B 201 2.87 21.76 -17.59
C PRO B 201 2.80 20.61 -18.59
N ASN B 202 2.52 20.96 -19.84
CA ASN B 202 2.45 20.01 -20.94
C ASN B 202 3.79 20.09 -21.67
N VAL B 203 4.85 19.60 -21.04
CA VAL B 203 6.17 19.64 -21.65
C VAL B 203 6.15 18.84 -22.95
N GLU B 204 5.67 17.61 -22.86
CA GLU B 204 5.57 16.75 -24.04
C GLU B 204 4.32 15.91 -23.98
N SER B 205 3.71 15.71 -25.15
CA SER B 205 2.51 14.88 -25.26
C SER B 205 2.87 13.85 -26.33
N CYS B 206 1.97 12.92 -26.59
CA CYS B 206 2.25 11.90 -27.58
C CYS B 206 2.72 12.53 -28.90
N GLY B 207 3.72 11.93 -29.51
CA GLY B 207 4.24 12.43 -30.78
C GLY B 207 5.13 13.66 -30.73
N GLU B 208 5.54 14.09 -29.54
CA GLU B 208 6.39 15.28 -29.42
C GLU B 208 7.74 14.99 -28.76
N GLY B 209 8.75 15.76 -29.17
CA GLY B 209 10.09 15.60 -28.61
C GLY B 209 10.57 14.18 -28.47
N SER B 210 11.06 13.84 -27.27
CA SER B 210 11.57 12.50 -26.99
C SER B 210 10.55 11.40 -27.28
N MET B 211 9.27 11.75 -27.25
CA MET B 211 8.24 10.76 -27.53
C MET B 211 8.40 10.29 -28.97
N LYS B 212 8.85 11.18 -29.84
CA LYS B 212 9.07 10.80 -31.24
C LYS B 212 10.20 9.77 -31.30
N VAL B 213 11.19 9.95 -30.44
CA VAL B 213 12.34 9.06 -30.38
C VAL B 213 11.89 7.65 -29.95
N LEU B 214 11.06 7.60 -28.91
CA LEU B 214 10.56 6.33 -28.39
C LEU B 214 9.73 5.58 -29.43
N GLU B 215 8.78 6.28 -30.04
CA GLU B 215 7.91 5.69 -31.05
C GLU B 215 8.71 5.11 -32.20
N LYS B 216 9.66 5.87 -32.72
CA LYS B 216 10.47 5.41 -33.83
C LYS B 216 11.33 4.21 -33.44
N ARG B 217 11.91 4.23 -32.25
CA ARG B 217 12.72 3.10 -31.82
C ARG B 217 11.88 1.83 -31.73
N LEU B 218 10.74 1.92 -31.07
CA LEU B 218 9.87 0.75 -30.92
C LEU B 218 9.37 0.27 -32.29
N LYS B 219 9.01 1.20 -33.17
CA LYS B 219 8.56 0.78 -34.49
C LYS B 219 9.70 0.21 -35.32
N ASP B 220 10.92 0.73 -35.14
CA ASP B 220 12.07 0.21 -35.87
C ASP B 220 12.36 -1.21 -35.41
N MET B 221 11.97 -1.52 -34.18
CA MET B 221 12.19 -2.86 -33.62
C MET B 221 11.08 -3.82 -34.06
N GLY B 222 10.04 -3.27 -34.68
CA GLY B 222 8.96 -4.11 -35.17
C GLY B 222 7.73 -4.22 -34.29
N PHE B 223 7.63 -3.40 -33.24
CA PHE B 223 6.48 -3.46 -32.35
C PHE B 223 5.28 -2.64 -32.84
N GLN B 224 4.09 -3.07 -32.44
CA GLN B 224 2.88 -2.32 -32.75
C GLN B 224 2.90 -1.28 -31.65
N TYR B 225 2.56 -0.03 -31.98
CA TYR B 225 2.65 1.04 -31.02
C TYR B 225 1.45 1.96 -30.97
N SER B 226 1.09 2.41 -29.77
CA SER B 226 0.01 3.37 -29.59
C SER B 226 0.38 4.22 -28.38
N CYS B 227 -0.11 5.45 -28.35
CA CYS B 227 0.20 6.35 -27.25
C CYS B 227 -1.07 7.09 -26.88
N ILE B 228 -1.29 7.26 -25.58
CA ILE B 228 -2.48 7.93 -25.07
C ILE B 228 -2.09 9.04 -24.10
N ASN B 229 -2.59 10.24 -24.34
CA ASN B 229 -2.32 11.36 -23.45
C ASN B 229 -3.29 11.28 -22.29
N ASP B 230 -2.76 11.37 -21.07
CA ASP B 230 -3.60 11.37 -19.89
C ASP B 230 -4.67 10.29 -19.84
N TYR B 231 -4.22 9.03 -19.94
CA TYR B 231 -5.08 7.86 -19.87
C TYR B 231 -6.09 8.08 -18.73
N ARG B 232 -7.37 8.07 -19.09
CA ARG B 232 -8.47 8.35 -18.15
C ARG B 232 -8.44 7.73 -16.74
N PRO B 233 -8.32 6.40 -16.62
CA PRO B 233 -8.29 5.83 -15.27
C PRO B 233 -7.22 6.47 -14.39
N VAL B 234 -6.05 6.71 -14.97
CA VAL B 234 -4.96 7.33 -14.24
C VAL B 234 -5.26 8.81 -13.95
N LYS B 235 -5.87 9.50 -14.92
CA LYS B 235 -6.23 10.91 -14.71
C LYS B 235 -7.21 11.00 -13.53
N LEU B 236 -8.15 10.08 -13.48
CA LEU B 236 -9.11 10.08 -12.38
C LEU B 236 -8.36 9.95 -11.03
N LEU B 237 -7.36 9.08 -10.97
CA LEU B 237 -6.59 8.89 -9.75
C LEU B 237 -5.87 10.18 -9.36
N GLN B 238 -5.22 10.83 -10.33
CA GLN B 238 -4.54 12.10 -10.05
C GLN B 238 -5.56 13.10 -9.50
N CYS B 239 -6.72 13.12 -10.10
CA CYS B 239 -7.79 14.04 -9.72
C CYS B 239 -8.24 13.95 -8.27
N VAL B 240 -8.07 12.78 -7.66
CA VAL B 240 -8.46 12.59 -6.26
C VAL B 240 -7.91 13.70 -5.37
N ASP B 241 -6.75 14.22 -5.75
CA ASP B 241 -6.10 15.29 -4.99
C ASP B 241 -6.37 16.69 -5.54
N HIS B 242 -7.23 16.78 -6.55
CA HIS B 242 -7.57 18.07 -7.18
C HIS B 242 -9.05 18.02 -7.58
N SER B 243 -9.89 17.55 -6.67
CA SER B 243 -11.31 17.41 -6.92
C SER B 243 -12.04 18.67 -7.41
N THR B 244 -11.54 19.86 -7.04
CA THR B 244 -12.19 21.10 -7.46
C THR B 244 -11.62 21.68 -8.74
N HIS B 245 -10.43 21.25 -9.13
CA HIS B 245 -9.80 21.77 -10.34
C HIS B 245 -10.68 21.48 -11.55
N PRO B 246 -10.77 22.42 -12.50
CA PRO B 246 -11.60 22.25 -13.71
C PRO B 246 -11.26 21.01 -14.55
N ASP B 247 -10.01 20.58 -14.55
CA ASP B 247 -9.65 19.39 -15.32
C ASP B 247 -10.33 18.17 -14.70
N CYS B 248 -10.71 18.29 -13.44
CA CYS B 248 -11.32 17.19 -12.70
C CYS B 248 -12.83 17.26 -12.46
N ALA B 249 -13.48 18.30 -12.98
CA ALA B 249 -14.93 18.44 -12.81
C ALA B 249 -15.66 17.29 -13.51
N LEU B 250 -16.62 16.70 -12.80
CA LEU B 250 -17.40 15.59 -13.33
C LEU B 250 -18.58 16.08 -14.15
N LYS B 251 -19.03 15.25 -15.08
CA LYS B 251 -20.15 15.58 -15.96
C LYS B 251 -21.43 15.73 -15.15
C1 NAG C . -20.07 -1.38 -0.15
C2 NAG C . -18.75 -2.09 -0.48
C3 NAG C . -18.92 -3.03 -1.68
C4 NAG C . -20.11 -3.98 -1.46
C5 NAG C . -21.35 -3.16 -1.11
C6 NAG C . -22.56 -4.03 -0.81
C7 NAG C . -16.58 -1.09 -0.15
C8 NAG C . -15.58 -0.01 -0.54
N2 NAG C . -17.74 -1.09 -0.80
O3 NAG C . -17.73 -3.79 -1.85
O4 NAG C . -20.34 -4.73 -2.66
O5 NAG C . -21.10 -2.35 0.06
O6 NAG C . -22.32 -4.81 0.35
O7 NAG C . -16.29 -1.91 0.72
C1 NAG C . -20.55 -6.09 -2.53
C2 NAG C . -21.21 -6.63 -3.81
C3 NAG C . -21.31 -8.16 -3.76
C4 NAG C . -19.95 -8.77 -3.45
C5 NAG C . -19.38 -8.15 -2.18
C6 NAG C . -17.98 -8.66 -1.87
C7 NAG C . -22.72 -5.04 -4.79
C8 NAG C . -24.13 -4.48 -4.89
N2 NAG C . -22.53 -6.05 -3.96
O3 NAG C . -21.77 -8.64 -5.01
O4 NAG C . -20.08 -10.17 -3.27
O5 NAG C . -19.27 -6.72 -2.34
O6 NAG C . -17.00 -7.98 -2.65
O7 NAG C . -21.82 -4.54 -5.47
C1 NAG D . 6.00 14.45 -13.06
C2 NAG D . 5.85 14.04 -11.59
C3 NAG D . 5.70 15.26 -10.69
C4 NAG D . 6.81 16.29 -10.96
C5 NAG D . 6.87 16.60 -12.46
C6 NAG D . 8.01 17.55 -12.83
C7 NAG D . 4.76 12.03 -10.80
C8 NAG D . 3.48 11.22 -10.70
N2 NAG D . 4.68 13.19 -11.45
O3 NAG D . 5.77 14.86 -9.33
O4 NAG D . 6.50 17.50 -10.24
O5 NAG D . 7.08 15.38 -13.21
O6 NAG D . 9.28 16.97 -12.58
O7 NAG D . 5.80 11.62 -10.29
C1 NAG D . 7.51 18.05 -9.47
C2 NAG D . 7.11 19.48 -9.08
C3 NAG D . 8.11 20.07 -8.09
C4 NAG D . 8.27 19.13 -6.89
C5 NAG D . 8.67 17.75 -7.39
C6 NAG D . 8.82 16.74 -6.28
C7 NAG D . 5.97 20.36 -11.02
C8 NAG D . 6.01 21.24 -12.26
N2 NAG D . 7.07 20.31 -10.28
O3 NAG D . 7.65 21.33 -7.63
O4 NAG D . 9.25 19.63 -6.00
O5 NAG D . 7.66 17.24 -8.29
O6 NAG D . 7.56 16.41 -5.71
O7 NAG D . 4.93 19.75 -10.74
N1 NCA E . -13.87 -3.78 10.47
C2 NCA E . -13.87 -2.33 10.55
C3 NCA E . -14.50 -1.63 11.62
C4 NCA E . -15.10 -2.50 12.61
C5 NCA E . -15.09 -3.92 12.54
C6 NCA E . -14.47 -4.56 11.47
C7 NCA E . -14.54 -0.09 11.73
O7 NCA E . -15.11 0.42 12.68
N7 NCA E . -13.98 0.64 10.81
N1 ENQ F . -11.63 -2.37 13.76
O1 ENQ F . -15.28 -6.68 8.92
P1 ENQ F . -14.69 -5.61 7.90
C2 ENQ F . -11.66 -3.70 13.38
O2 ENQ F . -15.20 -6.01 6.47
P2 ENQ F . -14.30 -7.09 5.65
N3 ENQ F . -10.98 -4.12 12.30
O3 ENQ F . -15.18 -4.28 8.26
C4 ENQ F . -8.90 -2.15 10.03
O4 ENQ F . -12.82 -6.47 5.18
C5 ENQ F . -10.11 -1.87 11.81
O5 ENQ F . -15.08 -7.50 4.38
C6 ENQ F . -10.88 -1.42 13.03
N6 ENQ F . -11.03 -0.26 13.60
O6 ENQ F . -14.17 -8.38 6.53
N7 ENQ F . -9.30 -1.25 10.88
O7 ENQ F . -11.02 -12.02 5.48
C8 ENQ F . -10.20 -3.19 11.49
C9 ENQ F . -11.86 -0.43 14.71
N9 ENQ F . -9.44 -3.37 10.38
C0' ENQ F . -9.47 -10.11 5.66
C1' ENQ F . -9.22 -4.61 9.61
C10 ENQ F . -12.21 -1.71 14.78
C2' ENQ F . -9.11 -5.93 10.42
O2' ENQ F . -10.44 -4.72 8.83
C3' ENQ F . -10.04 -6.87 9.62
O3' ENQ F . -9.29 -7.81 8.82
C4' ENQ F . -10.84 -6.07 8.64
O4' ENQ F . -7.78 -6.39 10.38
C5' ENQ F . -12.34 -6.32 8.89
O5' ENQ F . -13.07 -5.53 7.91
C6' ENQ F . -11.77 -7.25 4.50
O6' ENQ F . -11.65 -9.80 4.92
C7' ENQ F . -11.20 -8.46 5.30
O7' ENQ F . -9.09 -7.62 6.26
C8' ENQ F . -9.69 -8.59 5.28
O8' ENQ F . -8.72 -10.20 6.90
C9' ENQ F . -10.92 -10.63 5.86
N1 NCA G . 13.56 4.71 -10.85
C2 NCA G . 12.66 4.02 -11.76
C3 NCA G . 13.04 3.70 -13.09
C4 NCA G . 14.39 4.11 -13.45
C5 NCA G . 15.29 4.78 -12.56
C6 NCA G . 14.86 5.07 -11.26
C7 NCA G . 12.12 2.98 -14.12
O7 NCA G . 12.56 2.75 -15.26
N7 NCA G . 10.92 2.62 -13.79
N1 ENQ H . 14.02 0.45 -11.60
O1 ENQ H . 14.26 7.57 -9.39
P1 ENQ H . 12.69 7.43 -9.13
C2 ENQ H . 14.67 1.23 -10.64
O2 ENQ H . 12.22 8.75 -8.41
P2 ENQ H . 12.57 8.86 -6.81
N3 ENQ H . 14.02 1.56 -9.49
O3 ENQ H . 11.99 7.21 -10.40
C4 ENQ H . 10.63 0.68 -8.46
O4 ENQ H . 11.65 7.83 -5.85
C5 ENQ H . 11.97 0.35 -10.14
O5 ENQ H . 12.29 10.31 -6.37
C6 ENQ H . 12.70 0.00 -11.41
N6 ENQ H . 12.36 -0.69 -12.45
O6 ENQ H . 14.11 8.64 -6.62
N7 ENQ H . 10.71 0.09 -9.62
O7 ENQ H . 16.10 6.23 -3.23
C8 ENQ H . 12.65 1.11 -9.24
C9 ENQ H . 13.44 -0.71 -13.36
N9 ENQ H . 11.81 1.32 -8.19
C0' ENQ H . 14.29 7.08 -1.78
C1' ENQ H . 12.05 2.11 -6.97
C10 ENQ H . 14.43 -0.01 -12.80
C2' ENQ H . 13.47 2.07 -6.33
O2' ENQ H . 11.89 3.47 -7.44
C3' ENQ H . 13.69 3.56 -5.97
O3' ENQ H . 13.44 3.80 -4.57
C4' ENQ H . 12.66 4.38 -6.68
O4' ENQ H . 13.44 1.30 -5.15
C5' ENQ H . 13.36 5.44 -7.54
O5' ENQ H . 12.31 6.19 -8.17
C6' ENQ H . 11.56 7.91 -4.38
O6' ENQ H . 13.99 7.02 -4.09
C7' ENQ H . 12.63 7.13 -3.55
O7' ENQ H . 11.79 7.23 -1.20
C8' ENQ H . 12.88 7.69 -2.14
O8' ENQ H . 14.16 6.21 -0.61
C9' ENQ H . 14.66 6.25 -3.04
#